data_6T21
#
_entry.id   6T21
#
_cell.length_a   112.882
_cell.length_b   112.882
_cell.length_c   155.751
_cell.angle_alpha   90.000
_cell.angle_beta   90.000
_cell.angle_gamma   120.000
#
_symmetry.space_group_name_H-M   'P 61 2 2'
#
loop_
_entity.id
_entity.type
_entity.pdbx_description
1 polymer '5-methylcytosine-specific restriction enzyme A'
2 polymer "DNA (5'-D(*TP*CP*AP*TP*(5CM)P*GP*AP*TP*TP*C)-3')"
3 polymer "DNA (5'-D(*GP*AP*AP*TP*(5CM)P*GP*AP*TP*GP*A)-3')"
4 water water
#
loop_
_entity_poly.entity_id
_entity_poly.type
_entity_poly.pdbx_seq_one_letter_code
_entity_poly.pdbx_strand_id
1 'polypeptide(L)'
;GHHHHHHEFMHVFDNNGIELKAECSIGEEDGVYGLILESWGPGDRNKDYNIALDYIIERLVDSGVSQVVVYLASSSVRKH
MHSLDERKIHPGEYFTLIGNSPRDIRLKMCGYQAYFSRTGRKEIPSGNRTKRILINVPGIYSDSFWASIIRG
;
A,B
2 'polydeoxyribonucleotide' (DT)(DC)(DA)(DT)(5CM)(DG)(DA)(DT)(DT)(DC) C,E
3 'polydeoxyribonucleotide' (DG)(DA)(DA)(DT)(5CM)(DG)(DA)(DT)(DG)(DA) D,F
#
# COMPACT_ATOMS: atom_id res chain seq x y z
N GLU A 8 5.44 2.04 -23.03
CA GLU A 8 5.37 1.38 -21.70
C GLU A 8 4.07 1.68 -20.95
N PHE A 9 3.54 2.90 -21.08
CA PHE A 9 2.20 3.22 -20.55
C PHE A 9 1.13 2.84 -21.59
N MET A 10 -0.03 2.42 -21.09
CA MET A 10 -1.23 2.35 -21.91
C MET A 10 -1.85 3.75 -22.01
N HIS A 11 -2.85 3.89 -22.87
CA HIS A 11 -3.55 5.17 -23.02
C HIS A 11 -5.04 4.98 -23.13
N VAL A 12 -5.77 6.04 -22.81
CA VAL A 12 -7.20 6.09 -23.00
C VAL A 12 -7.45 6.56 -24.44
N PHE A 13 -8.39 5.92 -25.11
CA PHE A 13 -8.78 6.27 -26.46
C PHE A 13 -10.16 6.92 -26.47
N ASP A 14 -10.39 7.85 -27.41
CA ASP A 14 -11.67 8.54 -27.52
C ASP A 14 -12.70 7.69 -28.26
N ASN A 15 -13.89 8.24 -28.48
N ASN A 15 -13.89 8.26 -28.47
CA ASN A 15 -14.99 7.47 -29.06
CA ASN A 15 -15.02 7.57 -29.09
C ASN A 15 -14.79 7.12 -30.54
C ASN A 15 -14.75 7.11 -30.52
N ASN A 16 -13.84 7.81 -31.21
CA ASN A 16 -13.46 7.46 -32.59
C ASN A 16 -12.22 6.57 -32.67
N GLY A 17 -11.72 6.11 -31.52
CA GLY A 17 -10.55 5.25 -31.51
C GLY A 17 -9.23 5.99 -31.62
N ILE A 18 -9.23 7.30 -31.38
CA ILE A 18 -7.99 8.09 -31.39
C ILE A 18 -7.38 8.15 -29.99
N GLU A 19 -6.07 7.99 -29.94
CA GLU A 19 -5.32 7.96 -28.69
C GLU A 19 -5.32 9.33 -28.04
N LEU A 20 -5.69 9.40 -26.77
CA LEU A 20 -5.62 10.66 -26.03
C LEU A 20 -4.26 10.81 -25.34
N LYS A 21 -3.91 12.06 -25.05
N LYS A 21 -3.90 12.05 -25.05
CA LYS A 21 -2.76 12.37 -24.20
CA LYS A 21 -2.75 12.35 -24.21
C LYS A 21 -3.14 12.09 -22.76
C LYS A 21 -3.13 12.09 -22.76
N ALA A 22 -3.22 10.81 -22.41
CA ALA A 22 -3.64 10.38 -21.09
C ALA A 22 -3.09 8.98 -20.83
N GLU A 23 -1.94 8.94 -20.17
CA GLU A 23 -1.29 7.69 -19.81
C GLU A 23 -2.04 7.03 -18.67
N CYS A 24 -2.14 5.71 -18.74
CA CYS A 24 -2.71 4.95 -17.67
C CYS A 24 -2.08 3.56 -17.63
N SER A 25 -2.44 2.79 -16.61
CA SER A 25 -1.94 1.44 -16.46
C SER A 25 -2.94 0.64 -15.64
N ILE A 26 -2.92 -0.67 -15.84
CA ILE A 26 -3.88 -1.56 -15.21
C ILE A 26 -3.09 -2.55 -14.37
N GLY A 27 -3.51 -2.76 -13.12
CA GLY A 27 -2.83 -3.72 -12.26
C GLY A 27 -3.09 -3.50 -10.80
N GLU A 28 -2.34 -4.23 -9.98
CA GLU A 28 -2.43 -4.12 -8.54
C GLU A 28 -1.38 -3.16 -8.01
N GLU A 29 -1.83 -2.17 -7.26
CA GLU A 29 -0.96 -1.25 -6.57
C GLU A 29 -1.48 -1.12 -5.15
N ASP A 30 -0.57 -1.26 -4.19
CA ASP A 30 -0.92 -1.20 -2.75
C ASP A 30 -2.11 -2.09 -2.39
N GLY A 31 -2.19 -3.25 -3.04
CA GLY A 31 -3.18 -4.27 -2.71
C GLY A 31 -4.53 -4.09 -3.39
N VAL A 32 -4.66 -3.06 -4.22
CA VAL A 32 -5.90 -2.71 -4.87
C VAL A 32 -5.71 -2.87 -6.38
N TYR A 33 -6.60 -3.63 -7.02
CA TYR A 33 -6.57 -3.83 -8.46
C TYR A 33 -7.42 -2.78 -9.17
N GLY A 34 -6.84 -2.12 -10.16
CA GLY A 34 -7.61 -1.22 -10.99
C GLY A 34 -6.81 -0.42 -11.98
N LEU A 35 -7.34 0.75 -12.32
CA LEU A 35 -6.80 1.61 -13.33
C LEU A 35 -6.10 2.79 -12.69
N ILE A 36 -4.84 3.01 -13.03
CA ILE A 36 -4.11 4.20 -12.60
C ILE A 36 -4.12 5.19 -13.73
N LEU A 37 -4.61 6.39 -13.47
CA LEU A 37 -4.53 7.50 -14.43
C LEU A 37 -3.39 8.40 -13.97
N GLU A 38 -2.40 8.60 -14.84
CA GLU A 38 -1.24 9.44 -14.52
C GLU A 38 -1.64 10.93 -14.45
N SER A 39 -0.87 11.72 -13.70
CA SER A 39 -1.15 13.13 -13.51
C SER A 39 -0.93 13.95 -14.77
N TRP A 40 -1.60 15.09 -14.83
CA TRP A 40 -1.40 16.07 -15.89
C TRP A 40 -0.41 17.10 -15.39
N GLY A 41 0.69 17.26 -16.12
CA GLY A 41 1.66 18.32 -15.86
C GLY A 41 3.09 17.79 -15.91
N PRO A 42 4.08 18.68 -16.16
CA PRO A 42 3.94 20.09 -16.51
C PRO A 42 3.54 20.31 -17.95
N GLY A 43 3.02 21.49 -18.25
CA GLY A 43 2.57 21.82 -19.59
C GLY A 43 1.61 20.79 -20.14
N ASP A 44 1.98 20.20 -21.27
CA ASP A 44 1.10 19.29 -22.01
C ASP A 44 1.15 17.82 -21.58
N ARG A 45 2.02 17.46 -20.64
CA ARG A 45 2.11 16.07 -20.20
C ARG A 45 0.73 15.59 -19.67
N ASN A 46 0.19 14.58 -20.33
CA ASN A 46 -1.16 14.07 -20.06
C ASN A 46 -2.29 15.14 -20.01
N LYS A 47 -2.22 16.12 -20.91
N LYS A 47 -2.22 16.12 -20.91
CA LYS A 47 -3.19 17.23 -20.93
CA LYS A 47 -3.18 17.23 -20.94
C LYS A 47 -4.65 16.82 -21.16
C LYS A 47 -4.65 16.82 -21.16
N ASP A 48 -4.88 15.61 -21.68
CA ASP A 48 -6.26 15.10 -21.90
C ASP A 48 -6.86 14.38 -20.69
N TYR A 49 -6.21 14.50 -19.54
CA TYR A 49 -6.62 13.89 -18.28
C TYR A 49 -8.14 13.94 -18.03
N ASN A 50 -8.72 15.13 -18.04
CA ASN A 50 -10.15 15.31 -17.77
C ASN A 50 -11.06 14.67 -18.82
N ILE A 51 -10.67 14.81 -20.08
CA ILE A 51 -11.39 14.21 -21.19
C ILE A 51 -11.37 12.69 -21.02
N ALA A 52 -10.17 12.16 -20.75
CA ALA A 52 -10.02 10.71 -20.57
C ALA A 52 -10.84 10.22 -19.38
N LEU A 53 -10.84 10.99 -18.30
CA LEU A 53 -11.54 10.59 -17.11
C LEU A 53 -13.07 10.62 -17.34
N ASP A 54 -13.55 11.59 -18.11
CA ASP A 54 -14.98 11.63 -18.51
C ASP A 54 -15.37 10.38 -19.32
N TYR A 55 -14.50 9.98 -20.25
CA TYR A 55 -14.74 8.74 -21.00
C TYR A 55 -14.77 7.51 -20.10
N ILE A 56 -13.82 7.44 -19.17
CA ILE A 56 -13.76 6.31 -18.23
C ILE A 56 -15.08 6.21 -17.43
N ILE A 57 -15.51 7.31 -16.86
CA ILE A 57 -16.76 7.35 -16.10
C ILE A 57 -17.95 6.90 -16.97
N GLU A 58 -18.04 7.48 -18.16
CA GLU A 58 -19.15 7.19 -19.07
C GLU A 58 -19.20 5.70 -19.42
N ARG A 59 -18.04 5.13 -19.74
CA ARG A 59 -17.97 3.72 -20.12
C ARG A 59 -18.16 2.79 -18.93
N LEU A 60 -17.73 3.22 -17.75
CA LEU A 60 -17.99 2.43 -16.54
C LEU A 60 -19.50 2.34 -16.32
N VAL A 61 -20.19 3.49 -16.38
CA VAL A 61 -21.64 3.54 -16.22
C VAL A 61 -22.31 2.64 -17.28
N ASP A 62 -21.90 2.78 -18.53
CA ASP A 62 -22.41 1.94 -19.64
C ASP A 62 -22.25 0.43 -19.43
N SER A 63 -21.17 0.03 -18.75
N SER A 63 -21.17 0.03 -18.76
CA SER A 63 -20.91 -1.39 -18.47
CA SER A 63 -20.92 -1.39 -18.47
C SER A 63 -21.65 -1.90 -17.22
C SER A 63 -21.63 -1.89 -17.21
N GLY A 64 -22.46 -1.05 -16.60
CA GLY A 64 -23.24 -1.44 -15.43
C GLY A 64 -22.61 -1.14 -14.08
N VAL A 65 -21.48 -0.44 -14.05
CA VAL A 65 -20.85 -0.06 -12.79
C VAL A 65 -21.48 1.24 -12.30
N SER A 66 -21.92 1.26 -11.05
CA SER A 66 -22.49 2.48 -10.47
C SER A 66 -21.63 3.11 -9.38
N GLN A 67 -20.69 2.34 -8.81
CA GLN A 67 -19.83 2.86 -7.76
C GLN A 67 -18.38 2.37 -7.89
N VAL A 68 -17.45 3.23 -7.49
CA VAL A 68 -16.02 2.90 -7.53
C VAL A 68 -15.37 3.30 -6.20
N VAL A 69 -14.09 2.95 -6.03
CA VAL A 69 -13.28 3.48 -4.96
C VAL A 69 -12.07 4.15 -5.63
N VAL A 70 -11.77 5.38 -5.21
CA VAL A 70 -10.73 6.17 -5.83
C VAL A 70 -9.74 6.61 -4.78
N TYR A 71 -8.46 6.30 -5.03
CA TYR A 71 -7.38 6.61 -4.11
C TYR A 71 -6.39 7.60 -4.74
N LEU A 72 -5.90 8.53 -3.93
CA LEU A 72 -4.83 9.42 -4.34
C LEU A 72 -3.53 8.61 -4.39
N ALA A 73 -2.88 8.62 -5.53
CA ALA A 73 -1.75 7.71 -5.77
C ALA A 73 -0.49 8.41 -6.24
N SER A 74 -0.39 9.71 -5.99
CA SER A 74 0.82 10.46 -6.30
C SER A 74 1.97 9.93 -5.45
N SER A 75 3.20 10.15 -5.92
CA SER A 75 4.36 9.67 -5.18
C SER A 75 4.44 10.36 -3.82
N SER A 76 4.10 11.65 -3.78
N SER A 76 4.08 11.64 -3.77
CA SER A 76 4.16 12.44 -2.54
CA SER A 76 4.18 12.43 -2.55
C SER A 76 3.19 11.93 -1.49
C SER A 76 3.18 11.99 -1.48
N VAL A 77 1.95 11.64 -1.94
CA VAL A 77 0.92 11.17 -1.02
C VAL A 77 1.20 9.73 -0.57
N ARG A 78 1.65 8.86 -1.48
CA ARG A 78 2.02 7.48 -1.11
C ARG A 78 3.14 7.45 -0.06
N LYS A 79 4.09 8.36 -0.19
N LYS A 79 4.09 8.36 -0.19
CA LYS A 79 5.22 8.45 0.74
CA LYS A 79 5.21 8.44 0.75
C LYS A 79 4.78 8.92 2.13
C LYS A 79 4.77 8.91 2.14
N HIS A 80 3.99 9.98 2.17
CA HIS A 80 3.66 10.67 3.43
C HIS A 80 2.39 10.19 4.12
N MET A 81 1.48 9.56 3.38
CA MET A 81 0.24 9.07 3.97
C MET A 81 0.18 7.56 3.84
N HIS A 82 0.64 6.88 4.87
CA HIS A 82 0.81 5.44 4.82
C HIS A 82 -0.52 4.67 4.82
N SER A 83 -1.57 5.28 5.37
CA SER A 83 -2.85 4.61 5.45
C SER A 83 -3.58 4.70 4.10
N LEU A 84 -3.94 3.54 3.57
CA LEU A 84 -4.70 3.48 2.32
C LEU A 84 -6.10 4.07 2.51
N ASP A 85 -6.71 3.82 3.67
CA ASP A 85 -8.01 4.41 3.98
C ASP A 85 -7.97 5.95 3.94
N GLU A 86 -6.83 6.54 4.31
CA GLU A 86 -6.67 7.99 4.21
C GLU A 86 -6.38 8.50 2.81
N ARG A 87 -5.82 7.65 1.95
CA ARG A 87 -5.60 8.04 0.55
C ARG A 87 -6.87 7.95 -0.30
N LYS A 88 -7.88 7.23 0.21
CA LYS A 88 -9.21 7.22 -0.41
C LYS A 88 -9.72 8.65 -0.41
N ILE A 89 -10.00 9.19 -1.59
CA ILE A 89 -10.21 10.63 -1.72
C ILE A 89 -11.59 11.09 -1.21
N HIS A 90 -12.55 10.17 -1.20
CA HIS A 90 -13.94 10.50 -0.90
C HIS A 90 -14.26 9.98 0.49
N PRO A 91 -15.20 10.64 1.20
CA PRO A 91 -15.40 10.29 2.60
C PRO A 91 -16.03 8.91 2.81
N GLY A 92 -16.98 8.53 1.95
CA GLY A 92 -17.62 7.23 2.10
C GLY A 92 -16.79 6.06 1.59
N GLU A 93 -17.34 4.86 1.77
N GLU A 93 -17.33 4.85 1.76
CA GLU A 93 -16.75 3.64 1.25
CA GLU A 93 -16.68 3.66 1.25
C GLU A 93 -16.62 3.70 -0.27
C GLU A 93 -16.61 3.69 -0.28
N TYR A 94 -17.64 4.23 -0.93
CA TYR A 94 -17.70 4.28 -2.38
C TYR A 94 -17.96 5.68 -2.94
N PHE A 95 -17.60 5.83 -4.20
CA PHE A 95 -17.91 7.02 -4.96
C PHE A 95 -18.91 6.64 -6.06
N THR A 96 -19.99 7.40 -6.16
CA THR A 96 -21.09 7.08 -7.06
C THR A 96 -20.93 7.76 -8.41
N LEU A 97 -21.08 6.97 -9.48
CA LEU A 97 -20.90 7.43 -10.86
C LEU A 97 -22.19 7.84 -11.58
N ILE A 98 -23.35 7.47 -11.03
CA ILE A 98 -24.63 7.75 -11.69
C ILE A 98 -25.33 8.95 -11.06
N GLY A 99 -26.28 9.52 -11.80
CA GLY A 99 -27.13 10.63 -11.32
C GLY A 99 -26.75 12.02 -11.80
N ASN A 100 -25.79 12.09 -12.71
CA ASN A 100 -25.32 13.35 -13.29
C ASN A 100 -24.58 12.98 -14.56
N SER A 101 -24.20 13.98 -15.35
CA SER A 101 -23.42 13.74 -16.56
C SER A 101 -22.01 13.27 -16.17
N PRO A 102 -21.35 12.50 -17.05
CA PRO A 102 -19.97 12.10 -16.76
C PRO A 102 -19.07 13.27 -16.37
N ARG A 103 -19.25 14.42 -17.02
CA ARG A 103 -18.48 15.62 -16.70
C ARG A 103 -18.72 16.09 -15.27
N ASP A 104 -19.99 16.22 -14.88
CA ASP A 104 -20.34 16.67 -13.52
C ASP A 104 -19.89 15.68 -12.42
N ILE A 105 -20.00 14.38 -12.70
CA ILE A 105 -19.50 13.35 -11.80
C ILE A 105 -17.97 13.51 -11.65
N ARG A 106 -17.30 13.71 -12.77
CA ARG A 106 -15.86 13.91 -12.77
C ARG A 106 -15.47 15.15 -11.95
N LEU A 107 -16.21 16.25 -12.10
CA LEU A 107 -15.92 17.47 -11.33
C LEU A 107 -15.95 17.22 -9.85
N LYS A 108 -16.94 16.46 -9.42
CA LYS A 108 -17.08 16.09 -8.03
C LYS A 108 -15.93 15.17 -7.60
N MET A 109 -15.66 14.14 -8.38
CA MET A 109 -14.55 13.21 -8.09
C MET A 109 -13.25 13.99 -7.90
N CYS A 110 -12.92 14.84 -8.87
CA CYS A 110 -11.63 15.54 -8.85
C CYS A 110 -11.58 16.66 -7.82
N GLY A 111 -12.73 17.22 -7.45
CA GLY A 111 -12.78 18.19 -6.36
C GLY A 111 -12.15 17.66 -5.07
N TYR A 112 -12.36 16.37 -4.79
CA TYR A 112 -11.80 15.74 -3.60
C TYR A 112 -10.25 15.72 -3.59
N GLN A 113 -9.65 15.68 -4.78
CA GLN A 113 -8.18 15.68 -4.91
C GLN A 113 -7.56 16.94 -4.33
N ALA A 114 -8.33 18.03 -4.32
CA ALA A 114 -7.84 19.32 -3.84
C ALA A 114 -7.69 19.38 -2.32
N TYR A 115 -8.22 18.37 -1.60
CA TYR A 115 -8.02 18.27 -0.16
C TYR A 115 -6.67 17.67 0.24
N PHE A 116 -5.82 17.32 -0.73
CA PHE A 116 -4.51 16.75 -0.42
C PHE A 116 -3.40 17.73 -0.78
N SER A 117 -2.41 17.82 0.11
CA SER A 117 -1.14 18.49 -0.17
C SER A 117 -0.09 17.42 -0.46
N ARG A 118 1.17 17.82 -0.52
CA ARG A 118 2.29 16.88 -0.64
C ARG A 118 2.40 15.91 0.53
N THR A 119 2.09 16.40 1.74
CA THR A 119 2.39 15.67 2.97
C THR A 119 1.17 15.19 3.74
N GLY A 120 -0.03 15.60 3.34
CA GLY A 120 -1.23 15.26 4.10
C GLY A 120 -2.49 15.90 3.56
N ARG A 121 -3.51 15.97 4.40
CA ARG A 121 -4.78 16.58 4.03
C ARG A 121 -4.80 18.06 4.36
N LYS A 122 -5.68 18.79 3.69
CA LYS A 122 -5.93 20.20 4.01
C LYS A 122 -7.30 20.33 4.66
N GLU A 123 -7.50 21.45 5.34
CA GLU A 123 -8.81 21.83 5.86
C GLU A 123 -9.61 22.45 4.73
N ILE A 124 -9.02 23.47 4.10
CA ILE A 124 -9.60 24.13 2.95
C ILE A 124 -8.99 23.54 1.69
N PRO A 125 -9.83 23.11 0.74
CA PRO A 125 -9.28 22.56 -0.50
C PRO A 125 -8.76 23.66 -1.42
N SER A 126 -7.74 23.32 -2.21
CA SER A 126 -7.06 24.27 -3.09
C SER A 126 -6.13 23.50 -4.00
N GLY A 127 -5.75 24.12 -5.10
CA GLY A 127 -4.68 23.60 -5.96
C GLY A 127 -5.13 22.60 -7.00
N ASN A 128 -4.14 21.98 -7.63
CA ASN A 128 -4.32 21.01 -8.70
C ASN A 128 -5.35 19.92 -8.36
N ARG A 129 -6.10 19.50 -9.38
CA ARG A 129 -7.09 18.41 -9.28
C ARG A 129 -6.93 17.39 -10.40
N THR A 130 -5.71 17.27 -10.92
CA THR A 130 -5.39 16.36 -11.99
C THR A 130 -4.18 15.52 -11.60
N LYS A 131 -4.34 14.78 -10.51
CA LYS A 131 -3.26 14.03 -9.89
C LYS A 131 -3.33 12.56 -10.24
N ARG A 132 -2.23 11.84 -9.98
CA ARG A 132 -2.21 10.40 -10.17
C ARG A 132 -3.22 9.73 -9.24
N ILE A 133 -4.16 8.98 -9.82
CA ILE A 133 -5.22 8.34 -9.05
C ILE A 133 -5.41 6.87 -9.43
N LEU A 134 -5.84 6.10 -8.46
CA LEU A 134 -6.13 4.68 -8.65
C LEU A 134 -7.64 4.48 -8.53
N ILE A 135 -8.24 3.93 -9.57
CA ILE A 135 -9.69 3.68 -9.60
C ILE A 135 -9.94 2.18 -9.55
N ASN A 136 -10.71 1.77 -8.55
CA ASN A 136 -11.06 0.37 -8.34
C ASN A 136 -12.56 0.16 -8.53
N VAL A 137 -12.91 -0.95 -9.19
CA VAL A 137 -14.29 -1.40 -9.26
C VAL A 137 -14.38 -2.67 -8.41
N PRO A 138 -15.09 -2.62 -7.27
CA PRO A 138 -15.20 -3.78 -6.38
C PRO A 138 -15.59 -5.07 -7.11
N GLY A 139 -14.88 -6.16 -6.82
CA GLY A 139 -15.14 -7.44 -7.49
C GLY A 139 -14.44 -7.63 -8.84
N ILE A 140 -13.79 -6.60 -9.37
CA ILE A 140 -13.08 -6.70 -10.65
C ILE A 140 -11.58 -6.85 -10.40
N TYR A 141 -11.02 -7.97 -10.84
CA TYR A 141 -9.61 -8.29 -10.69
C TYR A 141 -8.92 -8.57 -12.04
N SER A 142 -9.60 -8.25 -13.14
CA SER A 142 -9.16 -8.66 -14.47
C SER A 142 -8.81 -7.47 -15.36
N ASP A 143 -7.76 -7.61 -16.15
CA ASP A 143 -7.36 -6.54 -17.05
C ASP A 143 -8.28 -6.41 -18.27
N SER A 144 -8.98 -7.47 -18.65
CA SER A 144 -9.87 -7.43 -19.82
C SER A 144 -10.97 -6.40 -19.68
N PHE A 145 -11.62 -6.38 -18.52
CA PHE A 145 -12.65 -5.39 -18.21
C PHE A 145 -12.09 -3.96 -18.38
N TRP A 146 -11.01 -3.67 -17.66
CA TRP A 146 -10.38 -2.35 -17.73
C TRP A 146 -9.85 -2.00 -19.13
N ALA A 147 -9.34 -3.01 -19.85
CA ALA A 147 -8.92 -2.81 -21.24
C ALA A 147 -10.04 -2.27 -22.13
N SER A 148 -11.26 -2.80 -21.95
CA SER A 148 -12.39 -2.37 -22.78
C SER A 148 -12.89 -0.99 -22.37
N ILE A 149 -12.69 -0.63 -21.10
CA ILE A 149 -13.02 0.72 -20.64
C ILE A 149 -12.12 1.78 -21.30
N ILE A 150 -10.80 1.56 -21.32
CA ILE A 150 -9.89 2.57 -21.88
C ILE A 150 -9.86 2.58 -23.41
N ARG A 151 -10.15 1.43 -24.01
CA ARG A 151 -10.24 1.27 -25.45
C ARG A 151 -11.51 1.95 -25.98
N GLY A 152 -12.61 1.80 -25.25
CA GLY A 152 -13.88 2.42 -25.62
C GLY A 152 -14.72 1.62 -26.60
N GLU B 8 3.93 9.31 19.13
CA GLU B 8 5.03 8.52 19.74
C GLU B 8 4.99 7.06 19.31
N PHE B 9 6.17 6.44 19.28
CA PHE B 9 6.27 5.01 19.03
C PHE B 9 5.97 4.20 20.28
N MET B 10 5.40 3.02 20.09
CA MET B 10 5.39 2.00 21.14
C MET B 10 6.75 1.32 21.10
N HIS B 11 7.02 0.48 22.11
CA HIS B 11 8.27 -0.28 22.18
C HIS B 11 7.97 -1.70 22.65
N VAL B 12 8.71 -2.66 22.11
CA VAL B 12 8.57 -4.04 22.56
C VAL B 12 9.23 -4.16 23.94
N PHE B 13 8.62 -4.97 24.80
CA PHE B 13 9.12 -5.23 26.14
C PHE B 13 9.60 -6.67 26.20
N ASP B 14 10.61 -6.91 27.03
CA ASP B 14 11.06 -8.29 27.24
C ASP B 14 10.14 -9.00 28.24
N ASN B 15 10.50 -10.23 28.62
CA ASN B 15 9.66 -11.04 29.50
C ASN B 15 9.82 -10.69 30.98
N ASN B 16 10.70 -9.75 31.30
CA ASN B 16 10.72 -9.16 32.65
C ASN B 16 10.01 -7.81 32.71
N GLY B 17 9.36 -7.41 31.62
CA GLY B 17 8.61 -6.16 31.60
C GLY B 17 9.48 -4.93 31.40
N ILE B 18 10.67 -5.14 30.85
CA ILE B 18 11.62 -4.06 30.62
C ILE B 18 11.58 -3.66 29.15
N GLU B 19 11.53 -2.34 28.94
CA GLU B 19 11.40 -1.78 27.60
C GLU B 19 12.69 -2.00 26.79
N LEU B 20 12.54 -2.51 25.58
CA LEU B 20 13.66 -2.71 24.66
C LEU B 20 13.82 -1.53 23.73
N LYS B 21 15.02 -1.39 23.16
N LYS B 21 15.02 -1.40 23.17
CA LYS B 21 15.29 -0.41 22.13
CA LYS B 21 15.28 -0.40 22.14
C LYS B 21 14.78 -0.93 20.81
C LYS B 21 14.78 -0.91 20.81
N ALA B 22 13.46 -0.88 20.64
CA ALA B 22 12.82 -1.41 19.45
C ALA B 22 11.47 -0.74 19.28
N GLU B 23 11.47 0.32 18.47
CA GLU B 23 10.26 1.05 18.15
C GLU B 23 9.32 0.23 17.27
N CYS B 24 8.03 0.34 17.55
CA CYS B 24 7.01 -0.27 16.72
C CYS B 24 5.72 0.54 16.83
N SER B 25 4.72 0.17 16.03
CA SER B 25 3.42 0.80 16.10
C SER B 25 2.37 -0.16 15.53
N ILE B 26 1.11 0.14 15.80
CA ILE B 26 0.01 -0.70 15.42
C ILE B 26 -0.88 0.13 14.53
N GLY B 27 -1.22 -0.38 13.36
CA GLY B 27 -2.12 0.35 12.49
C GLY B 27 -2.25 -0.24 11.12
N GLU B 28 -2.95 0.49 10.26
CA GLU B 28 -3.23 0.06 8.90
C GLU B 28 -2.30 0.81 7.99
N GLU B 29 -1.54 0.07 7.20
CA GLU B 29 -0.67 0.65 6.22
C GLU B 29 -0.91 -0.07 4.91
N ASP B 30 -1.15 0.70 3.86
CA ASP B 30 -1.38 0.16 2.51
C ASP B 30 -2.47 -0.91 2.49
N GLY B 31 -3.50 -0.72 3.32
CA GLY B 31 -4.65 -1.64 3.38
C GLY B 31 -4.49 -2.83 4.30
N VAL B 32 -3.32 -3.00 4.90
CA VAL B 32 -3.00 -4.14 5.74
C VAL B 32 -2.82 -3.66 7.18
N TYR B 33 -3.53 -4.31 8.10
CA TYR B 33 -3.50 -3.95 9.50
C TYR B 33 -2.57 -4.87 10.30
N GLY B 34 -1.73 -4.29 11.13
CA GLY B 34 -0.87 -5.10 12.00
C GLY B 34 0.20 -4.32 12.72
N LEU B 35 1.34 -4.99 12.93
CA LEU B 35 2.43 -4.47 13.74
C LEU B 35 3.55 -4.03 12.83
N ILE B 36 3.96 -2.77 12.94
CA ILE B 36 5.10 -2.28 12.19
C ILE B 36 6.29 -2.20 13.13
N LEU B 37 7.37 -2.87 12.77
CA LEU B 37 8.63 -2.83 13.50
C LEU B 37 9.61 -1.95 12.72
N GLU B 38 10.12 -0.90 13.37
CA GLU B 38 11.01 0.04 12.72
C GLU B 38 12.40 -0.59 12.56
N SER B 39 13.15 -0.10 11.59
CA SER B 39 14.46 -0.64 11.26
C SER B 39 15.49 -0.32 12.33
N TRP B 40 16.51 -1.18 12.38
CA TRP B 40 17.71 -0.98 13.19
C TRP B 40 18.76 -0.25 12.36
N GLY B 41 19.25 0.86 12.91
CA GLY B 41 20.38 1.59 12.36
C GLY B 41 20.04 3.06 12.17
N PRO B 42 21.06 3.94 12.04
CA PRO B 42 22.47 3.63 12.24
C PRO B 42 22.80 3.46 13.72
N GLY B 43 23.95 2.87 14.00
CA GLY B 43 24.41 2.71 15.37
C GLY B 43 23.40 1.99 16.25
N ASP B 44 23.05 2.63 17.36
CA ASP B 44 22.20 1.99 18.38
C ASP B 44 20.71 2.19 18.15
N ARG B 45 20.31 2.91 17.10
CA ARG B 45 18.88 3.15 16.84
C ARG B 45 18.15 1.82 16.63
N ASN B 46 17.22 1.50 17.52
CA ASN B 46 16.46 0.26 17.48
C ASN B 46 17.35 -0.99 17.46
N LYS B 47 18.41 -0.97 18.27
CA LYS B 47 19.39 -2.05 18.25
C LYS B 47 18.88 -3.36 18.82
N ASP B 48 17.75 -3.36 19.52
CA ASP B 48 17.14 -4.61 20.01
C ASP B 48 16.15 -5.24 19.04
N TYR B 49 16.12 -4.76 17.79
CA TYR B 49 15.24 -5.29 16.73
C TYR B 49 15.07 -6.82 16.75
N ASN B 50 16.20 -7.54 16.76
CA ASN B 50 16.16 -9.00 16.64
C ASN B 50 15.56 -9.70 17.86
N ILE B 51 15.92 -9.20 19.05
N ILE B 51 15.89 -9.23 19.06
CA ILE B 51 15.38 -9.71 20.30
CA ILE B 51 15.32 -9.86 20.24
C ILE B 51 13.88 -9.45 20.36
C ILE B 51 13.86 -9.45 20.40
N ALA B 52 13.51 -8.23 19.98
CA ALA B 52 12.11 -7.81 19.97
C ALA B 52 11.26 -8.71 19.06
N LEU B 53 11.80 -9.02 17.88
CA LEU B 53 11.11 -9.86 16.92
C LEU B 53 11.00 -11.31 17.43
N ASP B 54 12.01 -11.78 18.16
CA ASP B 54 11.93 -13.08 18.82
C ASP B 54 10.75 -13.14 19.81
N TYR B 55 10.60 -12.11 20.63
CA TYR B 55 9.50 -12.02 21.59
C TYR B 55 8.14 -11.95 20.88
N ILE B 56 8.09 -11.17 19.81
CA ILE B 56 6.87 -11.04 19.02
C ILE B 56 6.45 -12.40 18.52
N ILE B 57 7.40 -13.17 17.96
CA ILE B 57 7.11 -14.49 17.42
C ILE B 57 6.70 -15.48 18.51
N GLU B 58 7.44 -15.47 19.62
CA GLU B 58 7.11 -16.33 20.77
C GLU B 58 5.66 -16.08 21.22
N ARG B 59 5.29 -14.81 21.32
CA ARG B 59 3.97 -14.45 21.83
C ARG B 59 2.85 -14.76 20.84
N LEU B 60 3.13 -14.55 19.56
CA LEU B 60 2.16 -14.92 18.53
C LEU B 60 1.86 -16.41 18.60
N VAL B 61 2.91 -17.21 18.65
CA VAL B 61 2.76 -18.67 18.75
C VAL B 61 1.95 -19.05 19.99
N ASP B 62 2.28 -18.49 21.14
N ASP B 62 2.30 -18.48 21.14
CA ASP B 62 1.54 -18.82 22.37
CA ASP B 62 1.60 -18.76 22.40
C ASP B 62 0.10 -18.31 22.34
C ASP B 62 0.13 -18.31 22.34
N SER B 63 -0.14 -17.30 21.52
CA SER B 63 -1.50 -16.79 21.29
C SER B 63 -2.25 -17.50 20.16
N GLY B 64 -1.73 -18.64 19.70
CA GLY B 64 -2.45 -19.51 18.76
C GLY B 64 -2.24 -19.20 17.29
N VAL B 65 -1.33 -18.27 17.00
CA VAL B 65 -1.06 -17.87 15.62
C VAL B 65 0.03 -18.77 15.01
N SER B 66 -0.29 -19.40 13.89
CA SER B 66 0.67 -20.23 13.16
C SER B 66 1.11 -19.64 11.83
N GLN B 67 0.34 -18.69 11.29
CA GLN B 67 0.63 -18.09 10.00
C GLN B 67 0.52 -16.57 10.05
N VAL B 68 1.49 -15.91 9.43
CA VAL B 68 1.52 -14.45 9.31
C VAL B 68 1.82 -14.09 7.86
N VAL B 69 1.63 -12.82 7.54
CA VAL B 69 2.09 -12.25 6.27
C VAL B 69 2.99 -11.06 6.64
N VAL B 70 4.17 -11.01 6.04
CA VAL B 70 5.17 -10.02 6.38
C VAL B 70 5.53 -9.24 5.11
N TYR B 71 5.44 -7.92 5.21
CA TYR B 71 5.72 -7.00 4.10
C TYR B 71 6.92 -6.11 4.42
N LEU B 72 7.83 -5.97 3.47
CA LEU B 72 8.90 -4.97 3.53
C LEU B 72 8.26 -3.57 3.44
N ALA B 73 8.54 -2.72 4.43
CA ALA B 73 7.81 -1.46 4.57
C ALA B 73 8.73 -0.26 4.74
N SER B 74 9.95 -0.37 4.21
CA SER B 74 10.90 0.71 4.28
C SER B 74 10.44 1.77 3.31
N SER B 75 10.83 3.02 3.55
CA SER B 75 10.45 4.10 2.65
C SER B 75 10.91 3.82 1.21
N SER B 76 12.12 3.25 1.05
N SER B 76 12.11 3.25 1.05
CA SER B 76 12.70 3.01 -0.27
CA SER B 76 12.68 3.04 -0.27
C SER B 76 11.95 1.94 -1.08
C SER B 76 11.97 1.93 -1.08
N VAL B 77 11.57 0.85 -0.37
CA VAL B 77 10.80 -0.21 -1.03
C VAL B 77 9.36 0.24 -1.33
N ARG B 78 8.72 0.97 -0.41
CA ARG B 78 7.34 1.45 -0.66
C ARG B 78 7.30 2.38 -1.86
N LYS B 79 8.36 3.17 -2.04
N LYS B 79 8.36 3.17 -2.03
CA LYS B 79 8.43 4.12 -3.14
CA LYS B 79 8.44 4.13 -3.14
C LYS B 79 8.63 3.43 -4.48
C LYS B 79 8.63 3.43 -4.49
N HIS B 80 9.58 2.49 -4.54
CA HIS B 80 9.94 1.84 -5.80
C HIS B 80 9.16 0.57 -6.18
N MET B 81 8.52 -0.09 -5.22
CA MET B 81 7.80 -1.32 -5.51
C MET B 81 6.32 -1.12 -5.22
N HIS B 82 5.58 -0.75 -6.24
CA HIS B 82 4.19 -0.32 -6.04
C HIS B 82 3.26 -1.48 -5.71
N SER B 83 3.64 -2.69 -6.10
CA SER B 83 2.84 -3.87 -5.83
C SER B 83 3.03 -4.37 -4.41
N LEU B 84 1.93 -4.48 -3.67
CA LEU B 84 1.96 -5.00 -2.33
C LEU B 84 2.36 -6.47 -2.32
N ASP B 85 1.88 -7.22 -3.30
CA ASP B 85 2.23 -8.63 -3.42
C ASP B 85 3.75 -8.82 -3.59
N GLU B 86 4.42 -7.89 -4.27
CA GLU B 86 5.86 -7.95 -4.41
C GLU B 86 6.62 -7.49 -3.17
N ARG B 87 5.99 -6.66 -2.33
CA ARG B 87 6.62 -6.24 -1.08
C ARG B 87 6.52 -7.34 -0.02
N LYS B 88 5.60 -8.29 -0.22
CA LYS B 88 5.52 -9.48 0.64
C LYS B 88 6.87 -10.20 0.58
N ILE B 89 7.52 -10.43 1.72
CA ILE B 89 8.94 -10.83 1.71
C ILE B 89 9.15 -12.32 1.40
N HIS B 90 8.14 -13.13 1.72
CA HIS B 90 8.18 -14.58 1.52
C HIS B 90 7.38 -14.95 0.27
N PRO B 91 7.76 -16.05 -0.40
CA PRO B 91 7.16 -16.35 -1.70
C PRO B 91 5.73 -16.91 -1.62
N GLY B 92 5.38 -17.60 -0.55
CA GLY B 92 4.03 -18.13 -0.42
C GLY B 92 3.07 -17.08 0.12
N GLU B 93 1.80 -17.46 0.25
N GLU B 93 1.81 -17.48 0.25
CA GLU B 93 0.78 -16.59 0.81
CA GLU B 93 0.77 -16.61 0.80
C GLU B 93 1.13 -16.20 2.25
C GLU B 93 1.11 -16.21 2.24
N TYR B 94 1.59 -17.20 3.02
CA TYR B 94 1.90 -17.02 4.43
C TYR B 94 3.32 -17.41 4.76
N PHE B 95 3.82 -16.85 5.86
CA PHE B 95 5.00 -17.33 6.52
C PHE B 95 4.52 -18.11 7.76
N THR B 96 4.96 -19.35 7.87
CA THR B 96 4.55 -20.24 8.96
C THR B 96 5.50 -20.13 10.13
N LEU B 97 4.92 -19.94 11.31
CA LEU B 97 5.68 -19.84 12.56
C LEU B 97 5.93 -21.24 13.14
N ILE B 98 6.78 -22.00 12.47
CA ILE B 98 7.17 -23.33 12.93
C ILE B 98 8.69 -23.38 12.85
N GLY B 99 9.31 -23.87 13.91
CA GLY B 99 10.76 -23.92 13.99
C GLY B 99 11.15 -24.42 15.36
N ASN B 100 12.45 -24.61 15.56
N ASN B 100 12.45 -24.60 15.54
CA ASN B 100 12.95 -25.15 16.83
CA ASN B 100 13.01 -25.13 16.77
C ASN B 100 12.85 -24.15 17.96
C ASN B 100 12.86 -24.15 17.95
N SER B 101 12.76 -22.86 17.63
CA SER B 101 12.65 -21.81 18.64
C SER B 101 12.18 -20.52 17.95
N PRO B 102 11.65 -19.57 18.73
CA PRO B 102 11.34 -18.25 18.17
C PRO B 102 12.54 -17.65 17.41
N ARG B 103 13.73 -17.74 17.97
N ARG B 103 13.73 -17.74 17.99
CA ARG B 103 14.92 -17.21 17.31
CA ARG B 103 14.95 -17.23 17.34
C ARG B 103 15.19 -17.84 15.94
C ARG B 103 15.20 -17.84 15.95
N ASP B 104 14.99 -19.14 15.84
CA ASP B 104 15.15 -19.85 14.55
C ASP B 104 14.11 -19.42 13.53
N ILE B 105 12.88 -19.22 14.00
CA ILE B 105 11.83 -18.70 13.13
C ILE B 105 12.20 -17.28 12.65
N ARG B 106 12.62 -16.43 13.57
CA ARG B 106 13.03 -15.05 13.23
C ARG B 106 14.17 -15.03 12.20
N LEU B 107 15.11 -15.96 12.35
CA LEU B 107 16.22 -16.05 11.39
C LEU B 107 15.74 -16.34 9.97
N LYS B 108 14.82 -17.28 9.84
N LYS B 108 14.81 -17.27 9.81
CA LYS B 108 14.22 -17.62 8.57
CA LYS B 108 14.29 -17.58 8.48
C LYS B 108 13.44 -16.45 7.98
C LYS B 108 13.42 -16.43 7.95
N MET B 109 12.64 -15.80 8.84
CA MET B 109 11.83 -14.64 8.43
C MET B 109 12.73 -13.51 7.92
N CYS B 110 13.79 -13.20 8.65
CA CYS B 110 14.61 -12.04 8.30
C CYS B 110 15.53 -12.27 7.12
N GLY B 111 15.84 -13.54 6.83
CA GLY B 111 16.64 -13.88 5.65
C GLY B 111 15.97 -13.41 4.37
N TYR B 112 14.63 -13.44 4.35
CA TYR B 112 13.89 -12.95 3.19
C TYR B 112 14.12 -11.45 2.90
N GLN B 113 14.42 -10.67 3.93
CA GLN B 113 14.63 -9.23 3.78
C GLN B 113 15.86 -8.92 2.92
N ALA B 114 16.84 -9.84 2.91
CA ALA B 114 18.07 -9.63 2.14
C ALA B 114 17.86 -9.76 0.62
N TYR B 115 16.66 -10.17 0.19
CA TYR B 115 16.36 -10.26 -1.24
C TYR B 115 15.89 -8.94 -1.84
N PHE B 116 15.81 -7.89 -1.01
CA PHE B 116 15.41 -6.57 -1.47
C PHE B 116 16.59 -5.61 -1.44
N SER B 117 16.64 -4.75 -2.46
CA SER B 117 17.49 -3.56 -2.49
C SER B 117 16.61 -2.34 -2.24
N ARG B 118 17.18 -1.15 -2.44
CA ARG B 118 16.42 0.10 -2.40
C ARG B 118 15.32 0.14 -3.46
N THR B 119 15.59 -0.45 -4.62
CA THR B 119 14.73 -0.25 -5.78
C THR B 119 13.95 -1.51 -6.21
N GLY B 120 14.29 -2.67 -5.67
CA GLY B 120 13.67 -3.89 -6.16
C GLY B 120 14.20 -5.15 -5.51
N ARG B 121 14.16 -6.24 -6.27
N ARG B 121 14.16 -6.24 -6.27
CA ARG B 121 14.61 -7.54 -5.77
CA ARG B 121 14.63 -7.53 -5.79
C ARG B 121 15.97 -7.91 -6.32
C ARG B 121 16.00 -7.88 -6.31
N LYS B 122 16.70 -8.73 -5.56
CA LYS B 122 18.02 -9.19 -5.97
C LYS B 122 17.92 -10.66 -6.32
N GLU B 123 18.80 -11.12 -7.21
N GLU B 123 18.78 -11.11 -7.22
CA GLU B 123 18.94 -12.54 -7.50
CA GLU B 123 18.95 -12.54 -7.51
C GLU B 123 19.74 -13.21 -6.38
C GLU B 123 19.72 -13.18 -6.35
N ILE B 124 20.82 -12.54 -5.96
CA ILE B 124 21.66 -13.01 -4.88
C ILE B 124 21.32 -12.20 -3.64
N PRO B 125 20.88 -12.87 -2.56
CA PRO B 125 20.53 -12.09 -1.38
C PRO B 125 21.79 -11.61 -0.67
N SER B 126 21.74 -10.41 -0.10
CA SER B 126 22.87 -9.85 0.62
C SER B 126 22.42 -8.66 1.45
N GLY B 127 23.27 -8.27 2.39
CA GLY B 127 23.09 -7.04 3.13
C GLY B 127 22.13 -7.12 4.29
N ASN B 128 21.71 -5.94 4.75
CA ASN B 128 20.95 -5.74 5.98
C ASN B 128 19.68 -6.61 6.03
N ARG B 129 19.40 -7.18 7.20
CA ARG B 129 18.19 -7.96 7.44
C ARG B 129 17.32 -7.43 8.60
N THR B 130 17.43 -6.15 8.89
CA THR B 130 16.76 -5.55 10.05
C THR B 130 16.03 -4.28 9.60
N LYS B 131 15.13 -4.46 8.64
CA LYS B 131 14.45 -3.36 7.97
C LYS B 131 13.05 -3.13 8.55
N ARG B 132 12.45 -2.00 8.18
CA ARG B 132 11.08 -1.70 8.58
C ARG B 132 10.14 -2.71 7.92
N ILE B 133 9.38 -3.44 8.74
CA ILE B 133 8.48 -4.46 8.25
C ILE B 133 7.09 -4.35 8.88
N LEU B 134 6.10 -4.83 8.14
CA LEU B 134 4.72 -4.83 8.59
C LEU B 134 4.29 -6.29 8.70
N ILE B 135 3.87 -6.69 9.91
CA ILE B 135 3.47 -8.05 10.21
C ILE B 135 1.96 -8.08 10.40
N ASN B 136 1.30 -8.89 9.56
CA ASN B 136 -0.16 -9.02 9.60
C ASN B 136 -0.55 -10.44 9.99
N VAL B 137 -1.63 -10.55 10.76
CA VAL B 137 -2.29 -11.83 11.00
C VAL B 137 -3.70 -11.72 10.44
N PRO B 138 -4.01 -12.51 9.41
CA PRO B 138 -5.31 -12.46 8.79
C PRO B 138 -6.44 -12.70 9.79
N GLY B 139 -7.48 -11.90 9.71
CA GLY B 139 -8.61 -12.01 10.64
C GLY B 139 -8.43 -11.30 11.97
N ILE B 140 -7.26 -10.73 12.22
CA ILE B 140 -7.06 -9.98 13.47
C ILE B 140 -7.09 -8.48 13.20
N TYR B 141 -7.98 -7.77 13.90
CA TYR B 141 -8.13 -6.32 13.77
C TYR B 141 -8.07 -5.60 15.13
N SER B 142 -7.56 -6.27 16.16
CA SER B 142 -7.58 -5.74 17.52
C SER B 142 -6.25 -5.07 17.90
N ASP B 143 -6.34 -3.79 18.29
CA ASP B 143 -5.19 -3.06 18.80
C ASP B 143 -4.69 -3.67 20.10
N SER B 144 -5.60 -4.11 20.96
CA SER B 144 -5.20 -4.66 22.25
C SER B 144 -4.55 -6.04 22.11
N PHE B 145 -4.95 -6.79 21.09
CA PHE B 145 -4.25 -8.03 20.74
C PHE B 145 -2.79 -7.70 20.44
N TRP B 146 -2.57 -6.81 19.48
CA TRP B 146 -1.21 -6.43 19.10
C TRP B 146 -0.43 -5.79 20.25
N ALA B 147 -1.12 -5.01 21.09
CA ALA B 147 -0.50 -4.45 22.28
C ALA B 147 -0.02 -5.54 23.25
N SER B 148 -0.77 -6.63 23.38
CA SER B 148 -0.33 -7.75 24.22
C SER B 148 0.89 -8.47 23.64
N ILE B 149 0.98 -8.51 22.32
CA ILE B 149 2.15 -9.10 21.64
C ILE B 149 3.40 -8.26 21.91
N ILE B 150 3.25 -6.95 21.81
CA ILE B 150 4.34 -6.01 22.05
C ILE B 150 4.77 -5.98 23.52
N ARG B 151 3.80 -5.92 24.42
N ARG B 151 3.81 -5.91 24.43
CA ARG B 151 4.06 -5.74 25.86
CA ARG B 151 4.11 -5.74 25.85
C ARG B 151 4.32 -7.04 26.61
C ARG B 151 4.32 -7.05 26.62
N GLY B 152 3.66 -8.12 26.18
CA GLY B 152 3.78 -9.41 26.85
C GLY B 152 3.03 -9.45 28.18
#